data_7O33
#
_entry.id   7O33
#
_cell.length_a   94.890
_cell.length_b   61.280
_cell.length_c   78.610
_cell.angle_alpha   90.000
_cell.angle_beta   106.350
_cell.angle_gamma   90.000
#
_symmetry.space_group_name_H-M   'C 1 2 1'
#
loop_
_entity.id
_entity.type
_entity.pdbx_description
1 polymer 'anti-PAS Fab 3.1 chimeric light chain'
2 polymer 'anti-PAS Fab 3.1 chimeric heavy chain'
3 polymer 'APSA epitope peptide'
4 water water
#
loop_
_entity_poly.entity_id
_entity_poly.type
_entity_poly.pdbx_seq_one_letter_code
_entity_poly.pdbx_strand_id
1 'polypeptide(L)'
;DVVMTQTPVTLSVNIGQPASISCKSGQSLLHSDGKTYLNWLLQRPGQSPKRLIYLVSDLDSGVPDRFTSSGSGTDFTLEI
SRVEAEDLGVYYCWQGTHLPHTFGGGTKLEIKRTVAAPSVFIFPPSDEQLKSGTASVVCLLNNFYPREAKVQWKVDNALQ
SGNSQESVTEQDSKDSTYSLSSTLTLSKADYEKHKVYACEVTHQGLSSPVTKSFNRGEC
;
L
2 'polypeptide(L)'
;EVKLQQSGAELVRPGASVKLSCKALGYIFTDYEMHWVKQTPVHGLEWIGVIHPGSGNTVYNQKFQGKATLTADKSSSTAY
MEVSSLTSEDSAVYYCNLWGRWGQGTTVTVSSASTKGPSVFPLAPSSKSTSGGTAALGCLVKDYFPEPVTVSWNSGALTS
GVHTFPAVLQSSGLYSLSSVVTVPSSSLGTQTYICNVNHKPSNTKVDKKVEPKSCHHHHHH
;
H
3 'polypeptide(L)' (PCA)APSAAPSAAPSA P
#
# COMPACT_ATOMS: atom_id res chain seq x y z
N ASP A 1 13.39 -7.62 -24.78
CA ASP A 1 12.96 -7.97 -23.40
C ASP A 1 12.91 -9.50 -23.27
N VAL A 2 13.67 -10.07 -22.34
CA VAL A 2 13.52 -11.51 -21.94
C VAL A 2 12.22 -11.67 -21.11
N VAL A 3 11.23 -12.36 -21.66
CA VAL A 3 9.86 -12.48 -21.08
C VAL A 3 9.95 -13.38 -19.86
N MET A 4 9.51 -12.87 -18.70
CA MET A 4 9.51 -13.59 -17.41
C MET A 4 8.06 -13.99 -17.10
N THR A 5 7.79 -15.29 -16.99
CA THR A 5 6.43 -15.85 -16.84
C THR A 5 6.40 -16.59 -15.51
N GLN A 6 5.49 -16.19 -14.62
CA GLN A 6 5.30 -16.82 -13.30
C GLN A 6 4.01 -17.64 -13.34
N THR A 7 3.94 -18.67 -12.51
CA THR A 7 2.75 -19.51 -12.33
C THR A 7 2.74 -20.03 -10.90
N PRO A 8 1.55 -20.15 -10.27
CA PRO A 8 0.31 -19.65 -10.84
C PRO A 8 0.22 -18.12 -10.70
N VAL A 9 -0.85 -17.51 -11.20
CA VAL A 9 -1.06 -16.04 -11.05
C VAL A 9 -1.43 -15.76 -9.58
N THR A 10 -2.27 -16.63 -9.00
CA THR A 10 -2.70 -16.56 -7.58
C THR A 10 -2.54 -17.95 -6.96
N LEU A 11 -1.94 -18.01 -5.76
CA LEU A 11 -1.79 -19.24 -4.93
C LEU A 11 -2.57 -19.04 -3.64
N SER A 12 -3.58 -19.87 -3.40
CA SER A 12 -4.34 -19.91 -2.11
C SER A 12 -3.85 -21.07 -1.25
N VAL A 13 -3.35 -20.78 -0.05
CA VAL A 13 -2.70 -21.83 0.78
C VAL A 13 -3.15 -21.70 2.23
N ASN A 14 -3.41 -22.84 2.88
CA ASN A 14 -3.64 -22.94 4.33
C ASN A 14 -2.34 -22.70 5.07
N ILE A 15 -2.38 -22.08 6.25
CA ILE A 15 -1.14 -21.88 7.05
C ILE A 15 -0.57 -23.26 7.40
N GLY A 16 0.75 -23.43 7.32
CA GLY A 16 1.43 -24.70 7.62
C GLY A 16 1.54 -25.62 6.41
N GLN A 17 0.85 -25.33 5.30
CA GLN A 17 0.92 -26.16 4.07
C GLN A 17 2.05 -25.63 3.20
N PRO A 18 2.58 -26.44 2.25
CA PRO A 18 3.66 -25.98 1.40
C PRO A 18 3.11 -25.04 0.33
N ALA A 19 3.97 -24.19 -0.24
CA ALA A 19 3.70 -23.41 -1.47
C ALA A 19 4.93 -23.49 -2.39
N SER A 20 4.67 -23.56 -3.69
CA SER A 20 5.71 -23.47 -4.74
C SER A 20 5.22 -22.58 -5.88
N ILE A 21 6.08 -21.65 -6.29
CA ILE A 21 5.86 -20.64 -7.36
C ILE A 21 6.92 -20.90 -8.44
N SER A 22 6.51 -21.03 -9.70
CA SER A 22 7.41 -21.25 -10.87
C SER A 22 7.70 -19.91 -11.55
N CYS A 23 8.95 -19.73 -11.99
CA CYS A 23 9.41 -18.62 -12.86
C CYS A 23 10.23 -19.20 -14.03
N LYS A 24 9.81 -18.91 -15.28
CA LYS A 24 10.51 -19.31 -16.53
C LYS A 24 10.86 -18.05 -17.33
N SER A 25 12.09 -17.98 -17.87
CA SER A 25 12.60 -16.89 -18.75
C SER A 25 12.55 -17.33 -20.22
N GLY A 26 12.44 -16.37 -21.15
CA GLY A 26 12.50 -16.59 -22.61
C GLY A 26 13.79 -17.28 -23.05
N GLN A 27 14.92 -16.92 -22.45
CA GLN A 27 16.24 -17.53 -22.71
C GLN A 27 17.00 -17.67 -21.39
N SER A 28 18.19 -18.27 -21.41
CA SER A 28 19.04 -18.56 -20.24
C SER A 28 19.45 -17.27 -19.53
N LEU A 29 19.58 -17.34 -18.19
CA LEU A 29 19.98 -16.21 -17.32
C LEU A 29 21.41 -16.42 -16.80
N LEU A 30 22.03 -17.55 -17.17
CA LEU A 30 23.50 -17.78 -17.00
C LEU A 30 24.21 -16.62 -17.71
N HIS A 31 24.83 -15.72 -16.95
CA HIS A 31 25.63 -14.58 -17.46
C HIS A 31 26.99 -15.12 -17.92
N SER A 32 27.67 -14.43 -18.83
CA SER A 32 29.02 -14.79 -19.32
C SER A 32 30.03 -14.69 -18.18
N ASP A 33 29.71 -14.00 -17.07
CA ASP A 33 30.58 -13.81 -15.89
C ASP A 33 30.34 -14.95 -14.88
N GLY A 34 29.54 -15.95 -15.26
CA GLY A 34 29.32 -17.18 -14.46
C GLY A 34 28.07 -17.10 -13.58
N LYS A 35 27.79 -15.92 -13.00
CA LYS A 35 26.64 -15.67 -12.09
C LYS A 35 25.33 -15.70 -12.87
N THR A 36 24.27 -16.27 -12.27
CA THR A 36 22.87 -16.30 -12.81
C THR A 36 22.03 -15.31 -12.00
N TYR A 37 21.68 -14.14 -12.56
CA TYR A 37 21.13 -13.00 -11.79
C TYR A 37 19.60 -13.08 -11.72
N LEU A 38 19.07 -14.20 -11.23
CA LEU A 38 17.61 -14.45 -11.02
C LEU A 38 17.30 -14.11 -9.57
N ASN A 39 16.34 -13.20 -9.34
CA ASN A 39 15.98 -12.71 -7.98
C ASN A 39 14.49 -12.95 -7.69
N TRP A 40 14.15 -12.97 -6.41
CA TRP A 40 12.76 -13.15 -5.91
C TRP A 40 12.45 -12.01 -4.96
N LEU A 41 11.40 -11.25 -5.29
CA LEU A 41 10.89 -10.13 -4.47
C LEU A 41 9.58 -10.54 -3.80
N LEU A 42 9.28 -9.88 -2.69
CA LEU A 42 7.96 -9.95 -2.00
C LEU A 42 7.52 -8.52 -1.73
N GLN A 43 6.31 -8.21 -2.18
CA GLN A 43 5.69 -6.88 -2.01
C GLN A 43 4.29 -7.02 -1.40
N ARG A 44 4.04 -6.21 -0.39
CA ARG A 44 2.69 -5.99 0.20
C ARG A 44 2.12 -4.70 -0.34
N PRO A 45 0.77 -4.60 -0.39
CA PRO A 45 0.08 -3.41 -0.86
C PRO A 45 0.62 -2.17 -0.14
N GLY A 46 0.90 -1.11 -0.91
CA GLY A 46 1.35 0.20 -0.40
C GLY A 46 2.74 0.17 0.22
N GLN A 47 3.56 -0.84 -0.09
CA GLN A 47 4.95 -0.92 0.44
C GLN A 47 5.92 -1.25 -0.68
N SER A 48 7.21 -0.99 -0.45
CA SER A 48 8.32 -1.34 -1.37
C SER A 48 8.45 -2.84 -1.46
N PRO A 49 8.91 -3.37 -2.61
CA PRO A 49 9.29 -4.77 -2.68
C PRO A 49 10.44 -5.04 -1.70
N LYS A 50 10.60 -6.30 -1.32
CA LYS A 50 11.68 -6.85 -0.48
C LYS A 50 12.34 -7.98 -1.26
N ARG A 51 13.66 -7.89 -1.48
CA ARG A 51 14.40 -9.06 -2.04
C ARG A 51 14.44 -10.16 -0.97
N LEU A 52 14.07 -11.37 -1.36
CA LEU A 52 14.13 -12.61 -0.54
C LEU A 52 15.29 -13.51 -1.00
N ILE A 53 15.51 -13.63 -2.31
CA ILE A 53 16.48 -14.58 -2.93
C ILE A 53 17.30 -13.81 -3.98
N TYR A 54 18.62 -14.05 -4.01
CA TYR A 54 19.53 -13.56 -5.09
C TYR A 54 20.25 -14.75 -5.73
N LEU A 55 20.90 -14.48 -6.85
CA LEU A 55 21.73 -15.47 -7.59
C LEU A 55 21.08 -16.85 -7.53
N VAL A 56 19.76 -16.91 -7.76
CA VAL A 56 18.95 -18.15 -7.98
C VAL A 56 18.50 -18.74 -6.63
N SER A 57 19.44 -19.13 -5.77
CA SER A 57 19.18 -20.06 -4.65
C SER A 57 19.60 -19.46 -3.29
N ASP A 58 20.13 -18.23 -3.24
CA ASP A 58 20.69 -17.66 -2.00
C ASP A 58 19.62 -16.82 -1.29
N LEU A 59 19.30 -17.17 -0.03
CA LEU A 59 18.42 -16.38 0.86
C LEU A 59 19.14 -15.09 1.27
N ASP A 60 18.46 -13.95 1.16
CA ASP A 60 18.90 -12.64 1.69
C ASP A 60 18.74 -12.67 3.21
N SER A 61 19.24 -11.65 3.89
CA SER A 61 19.34 -11.58 5.37
C SER A 61 17.93 -11.43 5.96
N GLY A 62 17.67 -12.08 7.09
CA GLY A 62 16.40 -12.01 7.84
C GLY A 62 15.37 -13.01 7.33
N VAL A 63 15.63 -13.65 6.19
CA VAL A 63 14.63 -14.46 5.43
C VAL A 63 14.62 -15.87 6.02
N PRO A 64 13.52 -16.27 6.72
CA PRO A 64 13.43 -17.60 7.32
C PRO A 64 13.84 -18.77 6.41
N ASP A 65 14.33 -19.83 7.04
CA ASP A 65 14.88 -21.06 6.39
C ASP A 65 13.77 -21.81 5.66
N ARG A 66 12.49 -21.50 5.94
CA ARG A 66 11.32 -22.18 5.30
C ARG A 66 11.23 -21.78 3.81
N PHE A 67 11.94 -20.72 3.41
CA PHE A 67 12.07 -20.26 2.00
C PHE A 67 13.27 -20.96 1.33
N THR A 68 13.02 -21.69 0.24
CA THR A 68 14.08 -22.23 -0.66
C THR A 68 13.72 -21.95 -2.13
N SER A 69 14.74 -21.92 -2.97
CA SER A 69 14.66 -21.61 -4.42
C SER A 69 15.82 -22.29 -5.14
N SER A 70 15.56 -22.89 -6.29
CA SER A 70 16.59 -23.37 -7.25
C SER A 70 16.05 -23.27 -8.69
N GLY A 71 16.77 -23.91 -9.61
CA GLY A 71 16.61 -23.74 -11.07
C GLY A 71 17.91 -23.26 -11.68
N SER A 72 17.91 -23.05 -13.00
CA SER A 72 19.09 -22.65 -13.82
C SER A 72 18.66 -22.70 -15.28
N GLY A 73 19.35 -21.98 -16.17
CA GLY A 73 18.93 -21.82 -17.56
C GLY A 73 17.66 -20.97 -17.67
N THR A 74 16.54 -21.58 -18.04
CA THR A 74 15.23 -20.89 -18.25
C THR A 74 14.30 -21.08 -17.05
N ASP A 75 14.18 -22.29 -16.49
CA ASP A 75 13.10 -22.64 -15.52
C ASP A 75 13.61 -22.46 -14.07
N PHE A 76 12.78 -21.87 -13.20
CA PHE A 76 13.11 -21.52 -11.79
C PHE A 76 11.91 -21.73 -10.87
N THR A 77 12.18 -21.87 -9.57
CA THR A 77 11.21 -22.27 -8.51
C THR A 77 11.53 -21.57 -7.19
N LEU A 78 10.48 -21.13 -6.50
CA LEU A 78 10.50 -20.65 -5.09
C LEU A 78 9.55 -21.55 -4.29
N GLU A 79 10.04 -22.16 -3.21
CA GLU A 79 9.28 -23.11 -2.38
C GLU A 79 9.22 -22.54 -0.95
N ILE A 80 8.04 -22.63 -0.34
CA ILE A 80 7.86 -22.42 1.13
C ILE A 80 7.46 -23.78 1.72
N SER A 81 8.24 -24.26 2.69
CA SER A 81 8.08 -25.58 3.34
C SER A 81 6.72 -25.66 4.02
N ARG A 82 6.49 -24.74 4.97
CA ARG A 82 5.20 -24.48 5.68
C ARG A 82 4.90 -22.96 5.64
N VAL A 83 3.85 -22.55 4.95
CA VAL A 83 3.45 -21.10 4.82
C VAL A 83 3.08 -20.55 6.20
N GLU A 84 3.61 -19.38 6.56
CA GLU A 84 3.10 -18.60 7.73
C GLU A 84 2.26 -17.40 7.28
N ALA A 85 1.46 -16.84 8.20
CA ALA A 85 0.47 -15.76 7.95
C ALA A 85 1.17 -14.59 7.25
N GLU A 86 2.38 -14.26 7.71
CA GLU A 86 3.15 -13.06 7.27
C GLU A 86 3.80 -13.29 5.90
N ASP A 87 3.63 -14.46 5.28
CA ASP A 87 4.30 -14.79 4.00
C ASP A 87 3.44 -14.30 2.82
N LEU A 88 2.29 -13.70 3.11
CA LEU A 88 1.32 -13.31 2.06
C LEU A 88 1.84 -12.08 1.33
N GLY A 89 1.37 -11.88 0.11
CA GLY A 89 1.74 -10.72 -0.74
C GLY A 89 1.95 -11.19 -2.16
N VAL A 90 2.57 -10.35 -2.97
CA VAL A 90 2.91 -10.71 -4.37
C VAL A 90 4.42 -11.00 -4.45
N TYR A 91 4.74 -12.20 -4.89
CA TYR A 91 6.11 -12.68 -5.19
C TYR A 91 6.41 -12.40 -6.66
N TYR A 92 7.50 -11.67 -6.89
CA TYR A 92 8.02 -11.30 -8.23
C TYR A 92 9.36 -12.00 -8.43
N CYS A 93 9.54 -12.69 -9.54
CA CYS A 93 10.89 -13.02 -10.09
C CYS A 93 11.34 -11.90 -11.01
N TRP A 94 12.63 -11.62 -11.01
CA TRP A 94 13.21 -10.75 -12.06
C TRP A 94 14.66 -11.13 -12.35
N GLN A 95 15.07 -10.83 -13.59
CA GLN A 95 16.40 -11.17 -14.16
C GLN A 95 17.24 -9.89 -14.36
N GLY A 96 18.46 -9.88 -13.83
CA GLY A 96 19.48 -8.84 -14.05
C GLY A 96 20.61 -9.32 -14.96
N THR A 97 20.43 -10.45 -15.65
CA THR A 97 21.44 -10.97 -16.61
C THR A 97 21.41 -10.12 -17.88
N HIS A 98 20.24 -9.97 -18.52
CA HIS A 98 20.07 -9.36 -19.86
C HIS A 98 19.48 -7.95 -19.77
N LEU A 99 19.85 -7.09 -20.73
CA LEU A 99 19.36 -5.70 -20.86
C LEU A 99 18.28 -5.65 -21.94
N PRO A 100 17.13 -4.98 -21.71
CA PRO A 100 16.77 -4.39 -20.42
C PRO A 100 16.37 -5.46 -19.41
N HIS A 101 16.57 -5.17 -18.11
CA HIS A 101 16.17 -6.04 -16.98
C HIS A 101 14.65 -6.12 -17.00
N THR A 102 14.10 -7.29 -16.72
CA THR A 102 12.65 -7.59 -16.88
C THR A 102 12.15 -8.37 -15.66
N PHE A 103 10.90 -8.10 -15.26
CA PHE A 103 10.23 -8.69 -14.08
C PHE A 103 9.11 -9.61 -14.53
N GLY A 104 8.93 -10.74 -13.85
CA GLY A 104 7.68 -11.54 -13.95
C GLY A 104 6.44 -10.73 -13.54
N GLY A 105 5.25 -11.24 -13.89
CA GLY A 105 3.94 -10.59 -13.63
C GLY A 105 3.53 -10.64 -12.16
N GLY A 106 4.17 -11.51 -11.37
CA GLY A 106 3.82 -11.70 -9.95
C GLY A 106 2.92 -12.90 -9.75
N THR A 107 3.13 -13.59 -8.64
CA THR A 107 2.20 -14.59 -8.04
C THR A 107 1.74 -14.02 -6.69
N LYS A 108 0.44 -13.83 -6.54
CA LYS A 108 -0.15 -13.37 -5.25
C LYS A 108 -0.39 -14.59 -4.36
N LEU A 109 0.25 -14.60 -3.18
CA LEU A 109 0.05 -15.66 -2.15
C LEU A 109 -1.04 -15.14 -1.21
N GLU A 110 -2.17 -15.84 -1.18
CA GLU A 110 -3.34 -15.56 -0.33
C GLU A 110 -3.41 -16.69 0.70
N ILE A 111 -3.82 -16.34 1.92
CA ILE A 111 -3.94 -17.30 3.05
C ILE A 111 -5.41 -17.71 3.16
N LYS A 112 -5.64 -19.02 3.15
CA LYS A 112 -6.91 -19.66 3.57
C LYS A 112 -6.97 -19.79 5.09
N ARG A 113 -8.13 -19.55 5.69
CA ARG A 113 -8.36 -19.73 7.14
C ARG A 113 -9.85 -19.97 7.38
N THR A 114 -10.22 -20.14 8.62
CA THR A 114 -11.61 -20.46 9.04
C THR A 114 -12.48 -19.22 8.84
N VAL A 115 -13.78 -19.44 8.77
CA VAL A 115 -14.74 -18.32 8.70
C VAL A 115 -14.57 -17.48 9.97
N ALA A 116 -14.56 -16.16 9.84
CA ALA A 116 -14.63 -15.20 10.95
C ALA A 116 -15.65 -14.13 10.57
N ALA A 117 -16.67 -13.99 11.40
CA ALA A 117 -17.73 -12.99 11.26
C ALA A 117 -17.14 -11.63 11.58
N PRO A 118 -17.61 -10.56 10.92
CA PRO A 118 -17.17 -9.22 11.26
C PRO A 118 -17.70 -8.73 12.60
N SER A 119 -16.90 -7.86 13.25
CA SER A 119 -17.36 -6.95 14.32
C SER A 119 -17.86 -5.69 13.62
N VAL A 120 -19.07 -5.24 13.90
CA VAL A 120 -19.66 -4.10 13.16
C VAL A 120 -19.78 -2.90 14.09
N PHE A 121 -19.24 -1.78 13.60
CA PHE A 121 -19.16 -0.50 14.35
C PHE A 121 -19.77 0.57 13.44
N ILE A 122 -20.41 1.55 14.07
CA ILE A 122 -20.94 2.72 13.32
C ILE A 122 -20.50 4.00 14.03
N PHE A 123 -20.18 5.02 13.24
CA PHE A 123 -19.65 6.33 13.70
C PHE A 123 -20.50 7.42 13.10
N PRO A 124 -21.26 8.17 13.94
CA PRO A 124 -21.97 9.34 13.46
C PRO A 124 -20.98 10.33 12.90
N PRO A 125 -21.46 11.34 12.17
CA PRO A 125 -20.60 12.44 11.74
C PRO A 125 -20.00 13.17 12.97
N SER A 126 -18.77 13.66 12.84
CA SER A 126 -18.17 14.61 13.82
C SER A 126 -18.95 15.93 13.84
N ASP A 127 -18.89 16.67 14.95
CA ASP A 127 -19.50 18.01 15.01
C ASP A 127 -18.71 18.98 14.10
N GLU A 128 -17.40 18.78 13.95
CA GLU A 128 -16.54 19.60 13.05
C GLU A 128 -17.02 19.46 11.60
N GLN A 129 -17.40 18.25 11.17
CA GLN A 129 -17.86 18.09 9.77
C GLN A 129 -19.23 18.75 9.63
N LEU A 130 -20.13 18.53 10.58
CA LEU A 130 -21.53 19.04 10.50
C LEU A 130 -21.52 20.56 10.33
N LYS A 131 -20.64 21.25 11.05
CA LYS A 131 -20.46 22.74 10.95
C LYS A 131 -20.16 23.13 9.50
N SER A 132 -19.40 22.32 8.77
CA SER A 132 -19.03 22.55 7.34
C SER A 132 -20.21 22.21 6.42
N GLY A 133 -21.30 21.64 6.93
CA GLY A 133 -22.55 21.41 6.17
C GLY A 133 -22.61 20.06 5.46
N THR A 134 -21.75 19.10 5.84
CA THR A 134 -21.77 17.71 5.30
C THR A 134 -21.84 16.74 6.48
N ALA A 135 -22.44 15.58 6.27
CA ALA A 135 -22.52 14.51 7.28
C ALA A 135 -22.07 13.23 6.62
N SER A 136 -20.94 12.65 7.10
CA SER A 136 -20.42 11.32 6.70
C SER A 136 -20.65 10.36 7.86
N VAL A 137 -21.38 9.28 7.60
CA VAL A 137 -21.60 8.16 8.56
C VAL A 137 -20.74 6.98 8.13
N VAL A 138 -19.96 6.43 9.06
CA VAL A 138 -18.98 5.38 8.73
C VAL A 138 -19.43 4.11 9.44
N CYS A 139 -19.59 3.07 8.65
CA CYS A 139 -19.82 1.67 9.10
C CYS A 139 -18.51 0.91 8.91
N LEU A 140 -17.98 0.32 9.99
CA LEU A 140 -16.72 -0.46 9.94
C LEU A 140 -17.06 -1.94 10.20
N LEU A 141 -16.57 -2.83 9.34
CA LEU A 141 -16.65 -4.31 9.48
C LEU A 141 -15.22 -4.76 9.76
N ASN A 142 -14.91 -5.19 10.98
CA ASN A 142 -13.50 -5.49 11.33
C ASN A 142 -13.28 -6.99 11.36
N ASN A 143 -12.19 -7.43 10.69
CA ASN A 143 -11.48 -8.72 10.89
C ASN A 143 -12.42 -9.88 10.56
N PHE A 144 -12.75 -10.03 9.28
CA PHE A 144 -13.69 -11.09 8.85
C PHE A 144 -13.03 -11.88 7.75
N TYR A 145 -13.57 -13.08 7.51
CA TYR A 145 -13.07 -13.97 6.43
C TYR A 145 -14.24 -14.87 6.08
N PRO A 146 -14.52 -15.18 4.78
CA PRO A 146 -13.77 -14.64 3.64
C PRO A 146 -14.10 -13.18 3.34
N ARG A 147 -13.53 -12.68 2.26
CA ARG A 147 -13.50 -11.23 1.91
C ARG A 147 -14.88 -10.71 1.50
N GLU A 148 -15.74 -11.56 0.94
CA GLU A 148 -17.06 -11.15 0.42
C GLU A 148 -17.95 -10.79 1.60
N ALA A 149 -18.57 -9.61 1.53
CA ALA A 149 -19.44 -9.03 2.55
C ALA A 149 -20.36 -8.03 1.88
N LYS A 150 -21.56 -7.85 2.46
CA LYS A 150 -22.54 -6.89 1.90
C LYS A 150 -22.95 -5.94 3.02
N VAL A 151 -22.88 -4.65 2.73
CA VAL A 151 -23.35 -3.53 3.59
C VAL A 151 -24.56 -2.91 2.90
N GLN A 152 -25.64 -2.68 3.64
CA GLN A 152 -26.80 -1.88 3.20
C GLN A 152 -26.99 -0.80 4.25
N TRP A 153 -27.11 0.43 3.79
CA TRP A 153 -27.47 1.59 4.61
C TRP A 153 -29.00 1.73 4.67
N LYS A 154 -29.51 1.94 5.88
CA LYS A 154 -30.95 2.20 6.18
C LYS A 154 -31.06 3.47 7.00
N VAL A 155 -31.83 4.43 6.52
CA VAL A 155 -32.12 5.70 7.23
C VAL A 155 -33.63 5.73 7.53
N ASP A 156 -34.01 5.80 8.80
CA ASP A 156 -35.43 5.63 9.25
C ASP A 156 -36.01 4.40 8.54
N ASN A 157 -35.20 3.34 8.46
CA ASN A 157 -35.58 2.00 7.94
C ASN A 157 -35.73 2.02 6.42
N ALA A 158 -35.37 3.10 5.72
CA ALA A 158 -35.47 3.16 4.24
C ALA A 158 -34.11 2.81 3.64
N LEU A 159 -34.09 1.83 2.71
CA LEU A 159 -32.85 1.34 2.05
C LEU A 159 -32.26 2.47 1.20
N GLN A 160 -30.97 2.73 1.35
CA GLN A 160 -30.28 3.83 0.63
C GLN A 160 -29.62 3.24 -0.63
N SER A 161 -29.67 3.99 -1.72
CA SER A 161 -28.78 3.73 -2.88
C SER A 161 -28.20 5.05 -3.39
N GLY A 162 -26.96 5.04 -3.85
CA GLY A 162 -26.37 6.14 -4.61
C GLY A 162 -25.60 7.13 -3.77
N ASN A 163 -25.52 6.93 -2.44
CA ASN A 163 -24.94 7.93 -1.50
C ASN A 163 -23.83 7.31 -0.63
N SER A 164 -23.29 6.15 -1.01
CA SER A 164 -22.26 5.45 -0.20
C SER A 164 -21.08 5.03 -1.08
N GLN A 165 -19.91 4.89 -0.46
CA GLN A 165 -18.68 4.33 -1.08
C GLN A 165 -18.07 3.38 -0.05
N GLU A 166 -17.53 2.23 -0.47
CA GLU A 166 -16.82 1.29 0.45
C GLU A 166 -15.48 0.95 -0.18
N SER A 167 -14.58 0.46 0.65
CA SER A 167 -13.35 -0.24 0.26
C SER A 167 -13.01 -1.28 1.33
N VAL A 168 -12.30 -2.29 0.87
CA VAL A 168 -11.91 -3.47 1.67
C VAL A 168 -10.41 -3.37 1.76
N THR A 169 -9.86 -3.75 2.91
CA THR A 169 -8.41 -3.89 3.10
C THR A 169 -7.85 -5.02 2.25
N GLU A 170 -6.54 -4.94 2.03
CA GLU A 170 -5.75 -6.13 1.73
C GLU A 170 -5.88 -7.10 2.92
N GLN A 171 -5.48 -8.34 2.69
CA GLN A 171 -5.53 -9.39 3.74
C GLN A 171 -4.51 -9.05 4.84
N ASP A 172 -4.94 -9.21 6.09
CA ASP A 172 -4.14 -8.88 7.30
C ASP A 172 -2.95 -9.86 7.39
N SER A 173 -1.74 -9.34 7.61
CA SER A 173 -0.51 -10.15 7.71
C SER A 173 -0.44 -10.98 9.02
N LYS A 174 -1.34 -10.76 9.99
CA LYS A 174 -1.25 -11.46 11.30
C LYS A 174 -2.42 -12.43 11.51
N ASP A 175 -3.66 -12.08 11.19
CA ASP A 175 -4.83 -13.00 11.38
C ASP A 175 -5.45 -13.38 10.02
N SER A 176 -4.91 -12.86 8.91
CA SER A 176 -5.32 -13.30 7.54
C SER A 176 -6.80 -12.93 7.31
N THR A 177 -7.31 -11.96 8.06
CA THR A 177 -8.70 -11.42 7.89
C THR A 177 -8.68 -10.17 6.97
N TYR A 178 -9.87 -9.70 6.66
CA TYR A 178 -10.16 -8.45 5.92
C TYR A 178 -10.99 -7.52 6.82
N SER A 179 -10.92 -6.23 6.56
CA SER A 179 -11.86 -5.25 7.13
C SER A 179 -12.41 -4.38 5.98
N LEU A 180 -13.56 -3.81 6.20
CA LEU A 180 -14.23 -2.95 5.21
C LEU A 180 -14.77 -1.72 5.92
N SER A 181 -14.71 -0.61 5.19
CA SER A 181 -15.19 0.68 5.65
C SER A 181 -16.16 1.22 4.59
N SER A 182 -17.39 1.52 4.95
CA SER A 182 -18.42 2.16 4.06
C SER A 182 -18.77 3.50 4.64
N THR A 183 -18.94 4.53 3.80
CA THR A 183 -19.25 5.90 4.22
C THR A 183 -20.53 6.33 3.53
N LEU A 184 -21.57 6.64 4.32
CA LEU A 184 -22.81 7.27 3.81
C LEU A 184 -22.64 8.78 3.95
N THR A 185 -22.80 9.51 2.86
CA THR A 185 -22.59 10.98 2.88
C THR A 185 -23.88 11.67 2.45
N LEU A 186 -24.35 12.55 3.31
CA LEU A 186 -25.56 13.38 3.13
C LEU A 186 -25.16 14.82 3.41
N SER A 187 -25.97 15.76 2.93
CA SER A 187 -25.98 17.18 3.39
C SER A 187 -26.37 17.19 4.85
N LYS A 188 -25.87 18.16 5.60
CA LYS A 188 -26.27 18.38 7.01
C LYS A 188 -27.80 18.50 7.08
N ALA A 189 -28.40 19.21 6.12
CA ALA A 189 -29.87 19.43 6.02
C ALA A 189 -30.61 18.10 5.95
N ASP A 190 -30.22 17.21 5.04
CA ASP A 190 -30.81 15.85 4.89
C ASP A 190 -30.56 15.01 6.15
N TYR A 191 -29.34 15.02 6.67
CA TYR A 191 -28.95 14.21 7.86
C TYR A 191 -29.92 14.54 9.00
N GLU A 192 -30.28 15.82 9.13
CA GLU A 192 -31.05 16.34 10.29
C GLU A 192 -32.54 16.08 10.08
N LYS A 193 -32.96 15.66 8.88
CA LYS A 193 -34.36 15.30 8.61
C LYS A 193 -34.68 13.91 9.20
N HIS A 194 -33.68 13.09 9.55
CA HIS A 194 -33.93 11.68 9.96
C HIS A 194 -33.34 11.37 11.34
N LYS A 195 -33.83 10.31 11.97
CA LYS A 195 -33.41 9.86 13.32
C LYS A 195 -32.49 8.65 13.22
N VAL A 196 -32.95 7.54 12.64
CA VAL A 196 -32.26 6.23 12.78
C VAL A 196 -31.29 6.08 11.59
N TYR A 197 -30.00 5.97 11.90
CA TYR A 197 -28.90 5.63 10.96
C TYR A 197 -28.43 4.20 11.21
N ALA A 198 -28.58 3.33 10.21
CA ALA A 198 -28.36 1.88 10.39
C ALA A 198 -27.45 1.35 9.26
N CYS A 199 -26.50 0.55 9.68
CA CYS A 199 -25.61 -0.30 8.88
C CYS A 199 -26.14 -1.76 8.97
N GLU A 200 -26.50 -2.40 7.85
CA GLU A 200 -26.94 -3.82 7.83
C GLU A 200 -25.94 -4.65 7.03
N VAL A 201 -25.38 -5.67 7.68
CA VAL A 201 -24.22 -6.44 7.21
C VAL A 201 -24.64 -7.89 7.03
N THR A 202 -24.33 -8.43 5.86
CA THR A 202 -24.47 -9.86 5.50
C THR A 202 -23.06 -10.40 5.30
N HIS A 203 -22.74 -11.54 5.92
CA HIS A 203 -21.43 -12.22 5.78
C HIS A 203 -21.64 -13.71 6.07
N GLN A 204 -20.77 -14.56 5.54
CA GLN A 204 -20.82 -16.04 5.70
C GLN A 204 -20.80 -16.42 7.18
N GLY A 205 -20.14 -15.63 8.04
CA GLY A 205 -19.98 -15.91 9.48
C GLY A 205 -21.24 -15.64 10.29
N LEU A 206 -22.22 -14.99 9.70
CA LEU A 206 -23.47 -14.55 10.34
C LEU A 206 -24.65 -15.37 9.83
N SER A 207 -25.47 -15.90 10.72
CA SER A 207 -26.60 -16.76 10.30
C SER A 207 -27.74 -15.86 9.81
N SER A 208 -27.77 -14.59 10.23
CA SER A 208 -28.63 -13.56 9.61
C SER A 208 -27.93 -12.23 9.62
N PRO A 209 -28.38 -11.27 8.79
CA PRO A 209 -27.80 -9.93 8.77
C PRO A 209 -27.84 -9.29 10.16
N VAL A 210 -26.75 -8.61 10.51
CA VAL A 210 -26.64 -7.88 11.79
C VAL A 210 -26.72 -6.39 11.47
N THR A 211 -27.52 -5.66 12.24
CA THR A 211 -27.76 -4.20 12.13
C THR A 211 -27.05 -3.51 13.29
N LYS A 212 -26.24 -2.49 12.97
CA LYS A 212 -25.64 -1.53 13.93
C LYS A 212 -26.26 -0.17 13.64
N SER A 213 -26.86 0.49 14.62
CA SER A 213 -27.54 1.77 14.34
C SER A 213 -27.32 2.73 15.52
N PHE A 214 -27.55 4.01 15.26
CA PHE A 214 -27.73 5.04 16.31
C PHE A 214 -28.93 5.91 15.96
N ASN A 215 -29.46 6.59 16.96
CA ASN A 215 -30.44 7.70 16.79
C ASN A 215 -29.67 9.02 16.77
N ARG A 216 -29.86 9.85 15.74
CA ARG A 216 -29.19 11.17 15.63
C ARG A 216 -29.54 12.03 16.84
N GLY A 217 -28.54 12.72 17.39
CA GLY A 217 -28.66 13.62 18.55
C GLY A 217 -28.41 12.86 19.85
N GLU A 218 -29.17 11.78 20.07
CA GLU A 218 -29.12 10.96 21.31
C GLU A 218 -27.67 10.67 21.68
N CYS A 219 -27.29 10.99 22.92
CA CYS A 219 -25.90 11.15 23.42
C CYS A 219 -25.40 9.82 23.99
N GLU B 1 21.53 2.03 8.81
CA GLU B 1 21.98 0.84 8.03
C GLU B 1 21.97 1.23 6.54
N VAL B 2 21.85 0.27 5.62
CA VAL B 2 21.63 0.54 4.16
C VAL B 2 20.21 1.12 3.99
N LYS B 3 20.07 2.33 3.45
CA LYS B 3 18.76 3.04 3.40
C LYS B 3 18.66 3.96 2.17
N LEU B 4 17.71 3.68 1.26
CA LEU B 4 17.40 4.56 0.10
C LEU B 4 16.19 5.44 0.46
N GLN B 5 16.38 6.76 0.51
CA GLN B 5 15.35 7.74 0.94
C GLN B 5 14.93 8.56 -0.29
N GLN B 6 13.72 8.31 -0.81
CA GLN B 6 13.18 8.99 -2.02
C GLN B 6 12.38 10.22 -1.60
N SER B 7 12.24 11.20 -2.50
CA SER B 7 11.40 12.41 -2.37
C SER B 7 9.92 12.03 -2.25
N GLY B 8 9.08 12.98 -1.84
CA GLY B 8 7.66 12.76 -1.55
C GLY B 8 6.80 12.87 -2.80
N ALA B 9 5.49 12.65 -2.65
CA ALA B 9 4.49 12.54 -3.73
C ALA B 9 4.35 13.87 -4.47
N GLU B 10 4.02 13.76 -5.76
CA GLU B 10 4.01 14.85 -6.74
C GLU B 10 2.70 14.79 -7.52
N LEU B 11 2.12 15.96 -7.74
CA LEU B 11 1.09 16.22 -8.77
C LEU B 11 1.78 17.09 -9.80
N VAL B 12 1.85 16.63 -11.06
CA VAL B 12 2.57 17.33 -12.17
C VAL B 12 1.64 17.43 -13.40
N ARG B 13 1.73 18.54 -14.14
CA ARG B 13 0.86 18.83 -15.30
C ARG B 13 1.29 18.00 -16.50
N PRO B 14 0.36 17.57 -17.37
CA PRO B 14 0.72 16.97 -18.64
C PRO B 14 1.70 17.90 -19.37
N GLY B 15 2.72 17.34 -20.03
CA GLY B 15 3.69 18.07 -20.86
C GLY B 15 4.88 18.56 -20.04
N ALA B 16 4.69 18.76 -18.74
CA ALA B 16 5.77 19.17 -17.81
C ALA B 16 6.73 18.01 -17.59
N SER B 17 7.78 18.26 -16.81
CA SER B 17 8.78 17.25 -16.38
C SER B 17 8.78 17.21 -14.86
N VAL B 18 9.30 16.13 -14.26
CA VAL B 18 9.56 16.09 -12.79
C VAL B 18 10.87 15.37 -12.56
N LYS B 19 11.56 15.80 -11.52
CA LYS B 19 12.85 15.24 -11.07
C LYS B 19 12.63 14.63 -9.70
N LEU B 20 12.95 13.36 -9.56
CA LEU B 20 12.82 12.60 -8.30
C LEU B 20 14.21 12.41 -7.74
N SER B 21 14.32 12.38 -6.41
CA SER B 21 15.58 12.16 -5.66
C SER B 21 15.54 10.83 -4.91
N CYS B 22 16.71 10.27 -4.66
CA CYS B 22 16.96 9.01 -3.94
C CYS B 22 18.32 9.14 -3.23
N LYS B 23 18.31 9.32 -1.90
CA LYS B 23 19.53 9.43 -1.04
C LYS B 23 19.93 8.04 -0.55
N ALA B 24 21.18 7.63 -0.80
CA ALA B 24 21.79 6.35 -0.35
C ALA B 24 22.54 6.61 0.96
N LEU B 25 22.44 5.68 1.91
CA LEU B 25 23.18 5.74 3.20
C LEU B 25 23.60 4.32 3.54
N GLY B 26 24.76 4.15 4.18
CA GLY B 26 25.25 2.86 4.73
C GLY B 26 26.10 2.06 3.76
N TYR B 27 26.45 2.62 2.61
CA TYR B 27 27.34 1.96 1.61
C TYR B 27 28.05 3.05 0.79
N ILE B 28 29.08 2.65 0.04
CA ILE B 28 29.86 3.57 -0.87
C ILE B 28 28.99 3.86 -2.09
N PHE B 29 28.33 5.02 -2.11
CA PHE B 29 27.35 5.41 -3.16
C PHE B 29 28.01 5.26 -4.54
N THR B 30 29.21 5.82 -4.66
CA THR B 30 29.93 6.01 -5.94
C THR B 30 30.31 4.66 -6.56
N ASP B 31 30.32 3.57 -5.80
CA ASP B 31 30.92 2.28 -6.26
C ASP B 31 29.89 1.29 -6.82
N TYR B 32 28.58 1.54 -6.68
CA TYR B 32 27.53 0.53 -6.95
C TYR B 32 26.42 1.13 -7.83
N GLU B 33 25.99 0.33 -8.81
CA GLU B 33 25.08 0.77 -9.89
C GLU B 33 23.65 0.88 -9.35
N MET B 34 23.10 2.10 -9.39
CA MET B 34 21.74 2.45 -8.89
C MET B 34 20.74 2.23 -10.02
N HIS B 35 19.65 1.53 -9.74
CA HIS B 35 18.57 1.26 -10.72
C HIS B 35 17.32 2.07 -10.37
N TRP B 36 16.50 2.28 -11.40
CA TRP B 36 15.19 2.94 -11.30
C TRP B 36 14.15 2.05 -11.97
N VAL B 37 12.96 2.02 -11.37
CA VAL B 37 11.90 1.06 -11.74
C VAL B 37 10.57 1.81 -11.68
N LYS B 38 9.68 1.49 -12.60
CA LYS B 38 8.33 2.09 -12.67
C LYS B 38 7.33 1.02 -12.23
N GLN B 39 6.36 1.35 -11.38
CA GLN B 39 5.33 0.34 -11.03
C GLN B 39 3.94 0.90 -11.27
N THR B 40 3.14 0.15 -12.03
CA THR B 40 1.71 0.45 -12.29
C THR B 40 0.93 -0.84 -12.10
N PRO B 41 -0.36 -0.74 -11.73
CA PRO B 41 -1.20 -1.92 -11.63
C PRO B 41 -1.55 -2.52 -13.00
N VAL B 42 -1.34 -1.79 -14.09
CA VAL B 42 -1.70 -2.27 -15.46
C VAL B 42 -0.48 -2.91 -16.15
N HIS B 43 0.73 -2.41 -15.93
CA HIS B 43 1.97 -2.91 -16.60
C HIS B 43 2.93 -3.61 -15.61
N GLY B 44 2.67 -3.55 -14.30
CA GLY B 44 3.55 -4.16 -13.27
C GLY B 44 4.87 -3.42 -13.11
N LEU B 45 5.93 -4.14 -12.79
CA LEU B 45 7.29 -3.54 -12.56
C LEU B 45 8.02 -3.48 -13.89
N GLU B 46 8.51 -2.30 -14.26
CA GLU B 46 9.33 -2.13 -15.48
C GLU B 46 10.67 -1.48 -15.11
N TRP B 47 11.76 -2.00 -15.67
CA TRP B 47 13.13 -1.45 -15.50
C TRP B 47 13.32 -0.23 -16.42
N ILE B 48 13.62 0.94 -15.86
CA ILE B 48 13.83 2.22 -16.61
C ILE B 48 15.30 2.31 -17.08
N GLY B 49 16.24 2.34 -16.13
CA GLY B 49 17.69 2.37 -16.39
C GLY B 49 18.54 2.14 -15.15
N VAL B 50 19.86 2.25 -15.33
CA VAL B 50 20.92 2.08 -14.30
C VAL B 50 21.98 3.17 -14.50
N ILE B 51 22.44 3.79 -13.40
CA ILE B 51 23.55 4.78 -13.38
C ILE B 51 24.67 4.27 -12.46
N HIS B 52 25.90 4.31 -12.95
CA HIS B 52 27.13 4.27 -12.11
C HIS B 52 27.32 5.69 -11.58
N PRO B 53 27.08 5.96 -10.28
CA PRO B 53 27.19 7.33 -9.77
C PRO B 53 28.65 7.85 -9.82
N GLY B 54 29.61 6.94 -9.62
CA GLY B 54 31.05 7.23 -9.72
C GLY B 54 31.41 7.83 -11.06
N SER B 55 31.23 7.04 -12.14
CA SER B 55 31.55 7.42 -13.53
C SER B 55 30.46 8.37 -14.08
N GLY B 56 29.20 8.17 -13.72
CA GLY B 56 28.05 8.90 -14.30
C GLY B 56 27.52 8.24 -15.56
N ASN B 57 28.04 7.07 -15.92
CA ASN B 57 27.57 6.30 -17.10
C ASN B 57 26.17 5.74 -16.81
N THR B 58 25.34 5.66 -17.85
CA THR B 58 23.92 5.24 -17.78
C THR B 58 23.62 4.24 -18.91
N VAL B 59 22.77 3.27 -18.63
CA VAL B 59 22.14 2.38 -19.64
C VAL B 59 20.64 2.55 -19.45
N TYR B 60 19.89 2.79 -20.52
CA TYR B 60 18.41 2.93 -20.47
C TYR B 60 17.83 1.73 -21.17
N ASN B 61 16.68 1.30 -20.66
CA ASN B 61 15.65 0.56 -21.42
C ASN B 61 15.31 1.39 -22.66
N GLN B 62 15.16 0.74 -23.81
CA GLN B 62 14.72 1.37 -25.08
C GLN B 62 13.40 2.09 -24.81
N LYS B 63 12.47 1.45 -24.11
CA LYS B 63 11.10 1.97 -23.84
C LYS B 63 11.15 3.32 -23.11
N PHE B 64 12.25 3.66 -22.43
CA PHE B 64 12.35 4.90 -21.61
C PHE B 64 13.42 5.87 -22.14
N GLN B 65 14.09 5.56 -23.26
CA GLN B 65 15.08 6.51 -23.86
C GLN B 65 14.33 7.83 -24.12
N GLY B 66 14.84 8.96 -23.59
CA GLY B 66 14.24 10.29 -23.80
C GLY B 66 13.22 10.68 -22.73
N LYS B 67 12.26 9.80 -22.42
CA LYS B 67 11.30 9.93 -21.29
C LYS B 67 12.04 10.17 -19.97
N ALA B 68 13.09 9.40 -19.69
CA ALA B 68 13.81 9.36 -18.38
C ALA B 68 15.28 9.77 -18.58
N THR B 69 15.81 10.52 -17.62
CA THR B 69 17.23 10.98 -17.56
C THR B 69 17.74 10.73 -16.14
N LEU B 70 18.74 9.86 -15.98
CA LEU B 70 19.34 9.52 -14.67
C LEU B 70 20.55 10.41 -14.42
N THR B 71 20.65 10.99 -13.22
CA THR B 71 21.71 11.94 -12.78
C THR B 71 22.20 11.49 -11.40
N ALA B 72 23.34 11.99 -10.94
CA ALA B 72 23.84 11.71 -9.58
C ALA B 72 24.75 12.83 -9.10
N ASP B 73 24.58 13.20 -7.83
CA ASP B 73 25.49 14.09 -7.07
C ASP B 73 26.31 13.22 -6.12
N LYS B 74 27.63 13.12 -6.37
CA LYS B 74 28.58 12.34 -5.52
C LYS B 74 28.63 12.97 -4.12
N SER B 75 28.49 14.30 -4.03
CA SER B 75 28.62 15.09 -2.78
C SER B 75 27.58 14.63 -1.75
N SER B 76 26.29 14.65 -2.12
CA SER B 76 25.14 14.38 -1.20
C SER B 76 24.76 12.88 -1.17
N SER B 77 25.44 12.03 -1.95
CA SER B 77 25.09 10.61 -2.14
C SER B 77 23.63 10.49 -2.60
N THR B 78 23.25 11.26 -3.63
CA THR B 78 21.87 11.35 -4.15
C THR B 78 21.82 11.03 -5.66
N ALA B 79 21.01 10.03 -6.01
CA ALA B 79 20.61 9.72 -7.40
C ALA B 79 19.35 10.54 -7.75
N TYR B 80 19.20 10.86 -9.04
CA TYR B 80 18.14 11.72 -9.58
C TYR B 80 17.60 11.10 -10.86
N MET B 81 16.28 11.10 -11.03
CA MET B 81 15.65 10.72 -12.31
C MET B 81 14.66 11.83 -12.68
N GLU B 82 14.92 12.51 -13.80
CA GLU B 82 13.97 13.44 -14.43
C GLU B 82 13.16 12.68 -15.48
N VAL B 83 11.83 12.74 -15.37
CA VAL B 83 10.87 12.15 -16.35
C VAL B 83 10.15 13.34 -16.99
N SER B 84 10.10 13.37 -18.33
CA SER B 84 9.74 14.58 -19.10
C SER B 84 8.62 14.27 -20.10
N SER B 85 8.01 15.33 -20.67
CA SER B 85 6.85 15.29 -21.58
C SER B 85 5.76 14.38 -21.01
N LEU B 86 5.31 14.68 -19.79
CA LEU B 86 4.52 13.71 -18.99
C LEU B 86 3.14 13.52 -19.63
N THR B 87 2.70 12.26 -19.74
CA THR B 87 1.36 11.86 -20.24
C THR B 87 0.66 11.07 -19.14
N SER B 88 -0.59 10.70 -19.36
CA SER B 88 -1.37 9.88 -18.41
C SER B 88 -0.63 8.55 -18.16
N GLU B 89 0.07 8.02 -19.16
CA GLU B 89 0.77 6.73 -19.03
C GLU B 89 1.93 6.86 -18.03
N ASP B 90 2.25 8.06 -17.55
CA ASP B 90 3.45 8.27 -16.69
C ASP B 90 3.08 8.34 -15.20
N SER B 91 1.79 8.43 -14.82
CA SER B 91 1.33 8.30 -13.41
C SER B 91 1.72 6.89 -12.96
N ALA B 92 2.45 6.80 -11.86
CA ALA B 92 3.05 5.53 -11.41
C ALA B 92 3.67 5.72 -10.04
N VAL B 93 4.12 4.63 -9.45
CA VAL B 93 5.10 4.68 -8.33
C VAL B 93 6.48 4.44 -8.97
N TYR B 94 7.42 5.31 -8.64
CA TYR B 94 8.84 5.23 -9.04
C TYR B 94 9.69 4.83 -7.83
N TYR B 95 10.55 3.83 -8.04
CA TYR B 95 11.52 3.27 -7.06
C TYR B 95 12.94 3.45 -7.60
N CYS B 96 13.87 3.80 -6.71
CA CYS B 96 15.30 3.46 -6.85
C CYS B 96 15.57 2.17 -6.11
N ASN B 97 16.54 1.38 -6.57
CA ASN B 97 16.92 0.11 -5.90
C ASN B 97 18.31 -0.34 -6.38
N LEU B 98 19.08 -0.99 -5.50
CA LEU B 98 20.29 -1.75 -5.91
C LEU B 98 20.59 -2.85 -4.89
N TRP B 99 21.07 -4.00 -5.39
CA TRP B 99 21.59 -5.11 -4.55
C TRP B 99 20.47 -5.65 -3.65
N GLY B 100 19.20 -5.47 -4.07
CA GLY B 100 18.02 -6.04 -3.37
C GLY B 100 17.50 -5.10 -2.32
N ARG B 101 18.02 -3.89 -2.27
CA ARG B 101 17.57 -2.82 -1.35
C ARG B 101 16.84 -1.77 -2.20
N TRP B 102 15.62 -1.39 -1.78
CA TRP B 102 14.65 -0.54 -2.51
C TRP B 102 14.27 0.66 -1.65
N GLY B 103 14.15 1.82 -2.28
CA GLY B 103 13.54 3.03 -1.69
C GLY B 103 12.07 2.76 -1.37
N GLN B 104 11.45 3.68 -0.66
CA GLN B 104 10.01 3.58 -0.27
C GLN B 104 9.11 3.92 -1.46
N GLY B 105 9.65 4.56 -2.49
CA GLY B 105 8.93 4.94 -3.71
C GLY B 105 8.30 6.32 -3.59
N THR B 106 7.98 6.89 -4.75
CA THR B 106 7.42 8.23 -4.97
C THR B 106 6.24 8.09 -5.93
N THR B 107 5.03 8.43 -5.48
CA THR B 107 3.83 8.42 -6.32
C THR B 107 3.80 9.71 -7.12
N VAL B 108 3.69 9.57 -8.44
CA VAL B 108 3.60 10.70 -9.40
C VAL B 108 2.27 10.58 -10.09
N THR B 109 1.44 11.60 -9.95
CA THR B 109 0.14 11.71 -10.64
C THR B 109 0.26 12.83 -11.69
N VAL B 110 0.04 12.46 -12.96
CA VAL B 110 -0.08 13.42 -14.09
C VAL B 110 -1.55 13.83 -14.23
N SER B 111 -1.82 15.11 -13.98
CA SER B 111 -3.16 15.74 -14.06
C SER B 111 -2.98 17.26 -14.20
N SER B 112 -3.95 17.94 -14.80
CA SER B 112 -4.05 19.42 -14.82
C SER B 112 -5.02 19.91 -13.73
N ALA B 113 -5.68 19.01 -12.97
CA ALA B 113 -6.62 19.39 -11.90
C ALA B 113 -5.80 19.98 -10.75
N SER B 114 -6.41 20.79 -9.90
CA SER B 114 -5.74 21.48 -8.76
C SER B 114 -5.51 20.46 -7.65
N THR B 115 -4.45 20.59 -6.86
CA THR B 115 -4.32 19.84 -5.60
C THR B 115 -5.42 20.32 -4.67
N LYS B 116 -5.89 19.45 -3.77
CA LYS B 116 -6.82 19.79 -2.65
C LYS B 116 -6.39 18.96 -1.45
N GLY B 117 -6.11 19.65 -0.34
CA GLY B 117 -5.72 19.04 0.93
C GLY B 117 -6.95 18.50 1.64
N PRO B 118 -6.79 17.41 2.42
CA PRO B 118 -7.92 16.83 3.14
C PRO B 118 -8.40 17.60 4.36
N SER B 119 -9.69 17.46 4.64
CA SER B 119 -10.31 17.73 5.95
C SER B 119 -10.09 16.46 6.78
N VAL B 120 -9.69 16.59 8.03
CA VAL B 120 -9.45 15.39 8.87
C VAL B 120 -10.47 15.45 10.00
N PHE B 121 -11.33 14.46 10.10
CA PHE B 121 -12.42 14.46 11.10
C PHE B 121 -12.25 13.26 12.01
N PRO B 122 -12.57 13.36 13.31
CA PRO B 122 -12.45 12.22 14.22
C PRO B 122 -13.61 11.25 13.99
N LEU B 123 -13.33 9.98 14.21
CA LEU B 123 -14.31 8.89 14.40
C LEU B 123 -14.18 8.50 15.86
N ALA B 124 -15.01 9.13 16.71
CA ALA B 124 -14.89 9.06 18.18
C ALA B 124 -15.24 7.65 18.65
N PRO B 125 -14.51 7.09 19.62
CA PRO B 125 -14.95 5.85 20.27
C PRO B 125 -16.29 6.12 20.95
N SER B 126 -17.21 5.17 20.90
CA SER B 126 -18.56 5.29 21.54
C SER B 126 -19.05 3.90 21.94
N SER B 127 -20.25 3.79 22.52
CA SER B 127 -20.84 2.47 22.83
C SER B 127 -21.09 1.72 21.51
N LYS B 128 -21.20 2.44 20.39
CA LYS B 128 -21.48 1.83 19.06
C LYS B 128 -20.18 1.36 18.38
N SER B 129 -19.00 1.48 19.00
CA SER B 129 -17.69 1.08 18.40
C SER B 129 -16.92 0.23 19.40
N THR B 130 -17.63 -0.42 20.30
CA THR B 130 -17.05 -1.21 21.42
C THR B 130 -17.41 -2.67 21.23
N SER B 131 -16.42 -3.54 21.37
CA SER B 131 -16.58 -5.01 21.35
C SER B 131 -15.54 -5.65 22.29
N GLY B 132 -16.02 -6.50 23.19
CA GLY B 132 -15.17 -7.38 23.99
C GLY B 132 -14.05 -6.65 24.73
N GLY B 133 -14.39 -5.56 25.42
CA GLY B 133 -13.45 -4.76 26.22
C GLY B 133 -12.55 -3.87 25.36
N THR B 134 -12.82 -3.74 24.05
CA THR B 134 -12.00 -2.91 23.12
C THR B 134 -12.90 -1.84 22.48
N ALA B 135 -12.30 -0.73 22.08
CA ALA B 135 -12.98 0.41 21.42
C ALA B 135 -12.28 0.63 20.08
N ALA B 136 -13.07 0.79 19.01
CA ALA B 136 -12.55 1.22 17.71
C ALA B 136 -12.69 2.74 17.64
N LEU B 137 -11.67 3.41 17.16
CA LEU B 137 -11.76 4.87 16.89
C LEU B 137 -10.95 5.14 15.63
N GLY B 138 -11.01 6.36 15.05
CA GLY B 138 -10.29 6.63 13.81
C GLY B 138 -10.29 8.08 13.39
N CYS B 139 -9.83 8.28 12.16
CA CYS B 139 -9.90 9.54 11.41
C CYS B 139 -10.48 9.28 10.04
N LEU B 140 -11.43 10.12 9.63
CA LEU B 140 -11.93 10.24 8.26
C LEU B 140 -11.17 11.36 7.57
N VAL B 141 -10.40 11.00 6.54
CA VAL B 141 -9.54 11.93 5.77
C VAL B 141 -10.33 12.22 4.48
N LYS B 142 -11.00 13.37 4.42
CA LYS B 142 -12.06 13.61 3.40
C LYS B 142 -11.58 14.61 2.35
N ASP B 143 -11.80 14.29 1.06
CA ASP B 143 -11.85 15.29 -0.04
C ASP B 143 -10.45 15.83 -0.36
N TYR B 144 -9.59 14.99 -0.88
CA TYR B 144 -8.21 15.41 -1.24
C TYR B 144 -7.91 14.98 -2.65
N PHE B 145 -6.89 15.59 -3.22
CA PHE B 145 -6.38 15.22 -4.55
C PHE B 145 -4.94 15.69 -4.67
N PRO B 146 -4.05 14.88 -5.25
CA PRO B 146 -4.32 13.49 -5.63
C PRO B 146 -3.92 12.53 -4.50
N GLU B 147 -3.89 11.22 -4.79
CA GLU B 147 -3.27 10.22 -3.87
C GLU B 147 -1.77 10.42 -3.96
N PRO B 148 -0.97 10.09 -2.90
CA PRO B 148 -1.48 9.53 -1.66
C PRO B 148 -1.51 10.47 -0.45
N VAL B 149 -2.29 10.07 0.56
CA VAL B 149 -2.24 10.58 1.95
C VAL B 149 -1.43 9.54 2.74
N THR B 150 -0.62 9.97 3.71
CA THR B 150 -0.05 9.04 4.71
C THR B 150 -0.72 9.28 6.07
N VAL B 151 -1.06 8.22 6.79
CA VAL B 151 -1.65 8.32 8.14
C VAL B 151 -0.77 7.52 9.07
N SER B 152 -0.29 8.13 10.14
CA SER B 152 0.28 7.39 11.30
C SER B 152 -0.58 7.67 12.52
N TRP B 153 -0.30 6.97 13.61
CA TRP B 153 -0.99 7.17 14.90
C TRP B 153 0.08 7.35 15.96
N ASN B 154 -0.13 8.34 16.81
CA ASN B 154 0.80 8.74 17.89
C ASN B 154 2.23 8.77 17.32
N SER B 155 2.38 9.44 16.20
CA SER B 155 3.67 9.70 15.53
C SER B 155 4.40 8.39 15.26
N GLY B 156 3.63 7.31 15.10
CA GLY B 156 4.13 6.00 14.65
C GLY B 156 4.39 5.07 15.83
N ALA B 157 4.14 5.50 17.07
CA ALA B 157 4.30 4.63 18.24
C ALA B 157 3.12 3.67 18.33
N LEU B 158 2.02 3.91 17.60
CA LEU B 158 0.88 2.97 17.57
C LEU B 158 0.75 2.34 16.17
N THR B 159 0.92 1.04 16.08
CA THR B 159 0.84 0.32 14.78
C THR B 159 -0.10 -0.87 14.91
N SER B 160 -0.22 -1.45 16.12
CA SER B 160 -1.04 -2.67 16.33
CA SER B 160 -1.05 -2.66 16.36
C SER B 160 -2.51 -2.29 16.18
N GLY B 161 -3.24 -3.07 15.39
CA GLY B 161 -4.69 -2.99 15.25
C GLY B 161 -5.07 -1.80 14.40
N VAL B 162 -4.15 -1.28 13.60
CA VAL B 162 -4.45 -0.10 12.74
C VAL B 162 -4.98 -0.68 11.42
N HIS B 163 -6.07 -0.14 10.87
CA HIS B 163 -6.42 -0.38 9.46
C HIS B 163 -6.51 0.98 8.76
N THR B 164 -5.62 1.25 7.85
CA THR B 164 -5.75 2.41 6.94
C THR B 164 -6.28 1.86 5.62
N PHE B 165 -7.55 2.12 5.35
CA PHE B 165 -8.35 1.62 4.18
C PHE B 165 -7.90 2.28 2.88
N PRO B 166 -7.95 1.54 1.78
CA PRO B 166 -7.81 2.11 0.45
C PRO B 166 -8.78 3.28 0.28
N ALA B 167 -8.26 4.37 -0.29
CA ALA B 167 -9.06 5.55 -0.68
C ALA B 167 -10.14 5.15 -1.70
N VAL B 168 -11.30 5.79 -1.60
CA VAL B 168 -12.36 5.73 -2.62
C VAL B 168 -12.39 7.07 -3.36
N LEU B 169 -12.71 6.96 -4.66
CA LEU B 169 -12.91 8.12 -5.57
C LEU B 169 -14.37 8.58 -5.46
N GLN B 170 -14.59 9.82 -5.05
CA GLN B 170 -15.96 10.38 -4.94
C GLN B 170 -16.34 10.92 -6.33
N SER B 171 -17.61 11.28 -6.52
CA SER B 171 -18.15 11.83 -7.80
C SER B 171 -17.35 13.06 -8.22
N SER B 172 -16.95 13.86 -7.23
CA SER B 172 -16.17 15.11 -7.35
C SER B 172 -14.81 14.85 -8.02
N GLY B 173 -14.29 13.62 -8.03
CA GLY B 173 -12.90 13.34 -8.46
C GLY B 173 -11.92 13.50 -7.28
N LEU B 174 -12.43 13.87 -6.12
CA LEU B 174 -11.63 13.90 -4.86
C LEU B 174 -11.65 12.50 -4.25
N TYR B 175 -10.71 12.23 -3.37
CA TYR B 175 -10.59 10.96 -2.64
C TYR B 175 -11.01 11.13 -1.19
N SER B 176 -11.28 10.01 -0.55
N SER B 176 -11.34 10.03 -0.55
CA SER B 176 -11.59 9.96 0.90
CA SER B 176 -11.59 9.98 0.91
C SER B 176 -11.07 8.62 1.40
C SER B 176 -11.04 8.64 1.39
N LEU B 177 -10.52 8.59 2.60
CA LEU B 177 -10.09 7.32 3.23
C LEU B 177 -10.41 7.37 4.71
N SER B 178 -10.52 6.20 5.33
CA SER B 178 -10.62 6.16 6.81
C SER B 178 -9.42 5.39 7.35
N SER B 179 -8.96 5.75 8.54
CA SER B 179 -7.93 5.00 9.31
C SER B 179 -8.49 4.73 10.69
N VAL B 180 -8.50 3.47 11.12
CA VAL B 180 -9.15 3.09 12.39
C VAL B 180 -8.14 2.26 13.17
N VAL B 181 -8.22 2.36 14.45
CA VAL B 181 -7.43 1.51 15.38
C VAL B 181 -8.38 1.00 16.46
N THR B 182 -8.07 -0.20 16.97
CA THR B 182 -8.78 -0.80 18.13
C THR B 182 -7.80 -0.73 19.32
N VAL B 183 -8.29 -0.23 20.43
CA VAL B 183 -7.50 0.04 21.66
C VAL B 183 -8.27 -0.48 22.87
N PRO B 184 -7.63 -0.62 24.05
CA PRO B 184 -8.35 -1.04 25.25
C PRO B 184 -9.44 -0.02 25.61
N SER B 185 -10.62 -0.48 26.02
CA SER B 185 -11.66 0.42 26.58
C SER B 185 -11.17 1.02 27.90
N SER B 186 -10.42 0.24 28.68
CA SER B 186 -10.03 0.54 30.08
C SER B 186 -9.23 1.83 30.18
N SER B 187 -8.42 2.16 29.16
CA SER B 187 -7.43 3.26 29.22
C SER B 187 -7.79 4.45 28.31
N LEU B 188 -9.02 4.58 27.83
CA LEU B 188 -9.42 5.77 27.01
C LEU B 188 -9.26 7.04 27.86
N GLY B 189 -9.32 6.95 29.20
CA GLY B 189 -9.14 8.07 30.14
C GLY B 189 -7.70 8.56 30.29
N THR B 190 -6.69 7.72 30.01
CA THR B 190 -5.26 7.94 30.35
C THR B 190 -4.42 8.04 29.09
N GLN B 191 -4.85 7.38 28.01
CA GLN B 191 -4.09 7.28 26.75
C GLN B 191 -4.59 8.36 25.78
N THR B 192 -3.69 8.91 24.97
CA THR B 192 -4.07 9.92 23.96
C THR B 192 -3.87 9.28 22.58
N TYR B 193 -4.86 9.41 21.71
CA TYR B 193 -4.79 8.87 20.33
C TYR B 193 -4.91 10.01 19.33
N ILE B 194 -3.87 10.19 18.55
CA ILE B 194 -3.70 11.31 17.58
C ILE B 194 -3.45 10.65 16.21
N CYS B 195 -4.26 10.94 15.20
CA CYS B 195 -3.88 10.56 13.82
C CYS B 195 -3.09 11.72 13.21
N ASN B 196 -1.98 11.38 12.57
CA ASN B 196 -1.04 12.28 11.89
C ASN B 196 -1.27 12.08 10.38
N VAL B 197 -1.81 13.06 9.69
CA VAL B 197 -2.21 12.98 8.25
C VAL B 197 -1.28 13.92 7.50
N ASN B 198 -0.56 13.37 6.54
CA ASN B 198 0.36 14.06 5.61
C ASN B 198 -0.17 13.93 4.18
N HIS B 199 -0.34 15.05 3.50
CA HIS B 199 -0.67 15.09 2.05
C HIS B 199 0.30 16.08 1.40
N LYS B 200 1.40 15.58 0.84
CA LYS B 200 2.55 16.39 0.41
C LYS B 200 2.18 17.32 -0.75
N PRO B 201 1.38 16.90 -1.77
CA PRO B 201 0.96 17.83 -2.82
C PRO B 201 0.29 19.12 -2.32
N SER B 202 -0.48 19.13 -1.21
CA SER B 202 -1.18 20.34 -0.71
C SER B 202 -0.45 20.94 0.51
N ASN B 203 0.75 20.45 0.85
CA ASN B 203 1.50 20.85 2.08
C ASN B 203 0.60 20.66 3.31
N THR B 204 -0.28 19.66 3.32
CA THR B 204 -1.13 19.37 4.50
C THR B 204 -0.35 18.47 5.49
N LYS B 205 -0.29 18.92 6.73
CA LYS B 205 0.31 18.20 7.87
C LYS B 205 -0.64 18.46 9.04
N VAL B 206 -1.50 17.49 9.36
CA VAL B 206 -2.58 17.64 10.39
C VAL B 206 -2.34 16.56 11.45
N ASP B 207 -2.39 16.95 12.73
CA ASP B 207 -2.44 16.04 13.89
C ASP B 207 -3.82 16.23 14.54
N LYS B 208 -4.64 15.19 14.57
CA LYS B 208 -6.04 15.26 15.09
C LYS B 208 -6.15 14.34 16.31
N LYS B 209 -6.49 14.86 17.48
CA LYS B 209 -6.74 14.07 18.70
C LYS B 209 -8.14 13.49 18.60
N VAL B 210 -8.29 12.21 18.89
CA VAL B 210 -9.60 11.54 18.83
C VAL B 210 -9.94 11.10 20.25
N GLU B 211 -11.07 11.52 20.78
CA GLU B 211 -11.43 11.16 22.17
C GLU B 211 -12.94 10.94 22.25
N PRO B 212 -13.42 10.25 23.29
CA PRO B 212 -14.86 10.13 23.54
C PRO B 212 -15.54 11.49 23.43
N LYS B 213 -16.73 11.54 22.82
CA LYS B 213 -17.55 12.77 22.61
C LYS B 213 -18.24 13.13 23.94
N SER B 214 -18.43 14.44 24.17
CA SER B 214 -18.69 15.08 25.49
C SER B 214 -20.16 15.49 25.66
N CYS B 215 -21.03 14.57 26.10
CA CYS B 215 -22.34 14.81 26.76
C CYS B 215 -22.99 13.48 27.15
N PCA C 1 31.98 -1.54 1.99
CA PCA C 1 30.60 -1.23 2.33
CB PCA C 1 30.68 0.17 2.99
CG PCA C 1 32.17 0.44 3.15
CD PCA C 1 32.87 -0.62 2.35
OE PCA C 1 34.08 -0.65 2.08
C PCA C 1 29.71 -1.26 1.09
O PCA C 1 29.49 -0.24 0.43
N ALA C 2 29.25 -2.48 0.77
CA ALA C 2 28.23 -2.70 -0.26
C ALA C 2 26.84 -2.54 0.36
N PRO C 3 25.81 -2.24 -0.45
CA PRO C 3 24.42 -2.29 0.00
C PRO C 3 23.90 -3.67 0.47
N SER C 4 24.52 -4.77 0.05
CA SER C 4 24.12 -6.13 0.50
C SER C 4 25.20 -7.17 0.17
N ALA C 5 24.85 -8.45 0.36
CA ALA C 5 25.71 -9.64 0.16
C ALA C 5 26.00 -9.83 -1.34
N ALA C 6 25.05 -9.48 -2.21
CA ALA C 6 25.10 -9.81 -3.65
C ALA C 6 24.28 -8.82 -4.47
N PRO C 7 24.73 -8.55 -5.72
CA PRO C 7 23.98 -7.69 -6.63
C PRO C 7 22.76 -8.42 -7.20
N SER C 8 21.75 -7.65 -7.61
CA SER C 8 20.54 -8.18 -8.27
C SER C 8 20.79 -8.37 -9.78
N ALA C 9 21.76 -7.63 -10.33
CA ALA C 9 22.08 -7.62 -11.78
C ALA C 9 23.60 -7.45 -11.99
N ALA C 10 24.09 -8.01 -13.10
CA ALA C 10 25.46 -7.78 -13.63
C ALA C 10 25.68 -6.27 -13.79
N PRO C 11 26.86 -5.74 -13.39
CA PRO C 11 27.30 -4.41 -13.82
C PRO C 11 27.08 -4.19 -15.32
N SER C 12 26.71 -2.97 -15.72
CA SER C 12 26.25 -2.62 -17.09
C SER C 12 26.62 -1.18 -17.42
N ALA C 13 26.47 -0.28 -16.45
CA ALA C 13 26.72 1.17 -16.56
C ALA C 13 28.17 1.43 -16.96
#